data_4JVW
#
_entry.id   4JVW
#
_cell.length_a   169.156
_cell.length_b   41.207
_cell.length_c   67.109
_cell.angle_alpha   90.00
_cell.angle_beta   92.31
_cell.angle_gamma   90.00
#
_symmetry.space_group_name_H-M   'C 1 2 1'
#
loop_
_entity.id
_entity.type
_entity.pdbx_description
1 polymer 'Ig mu chain C region secreted form'
2 water water
#
_entity_poly.entity_id   1
_entity_poly.type   'polypeptide(L)'
_entity_poly.pdbx_seq_one_letter_code
;MGEVHKHPPAVYLLPPAREQLNLRESATVTCLVKGFSPADISVQWLQRGQLLPQEKYVTSAPMPEPGAPGFYFTHSILTV
TEEEWNSGETYTCVVGHEALPHLVTERTVDKSTGK
;
_entity_poly.pdbx_strand_id   A,B,C,D
#
# COMPACT_ATOMS: atom_id res chain seq x y z
N LYS A 6 -3.21 4.63 23.29
CA LYS A 6 -2.18 3.61 22.90
C LYS A 6 -2.57 2.24 23.41
N HIS A 7 -2.29 1.22 22.61
CA HIS A 7 -2.69 -0.14 22.95
C HIS A 7 -1.62 -1.14 22.54
N PRO A 8 -1.24 -2.03 23.47
CA PRO A 8 -0.17 -2.97 23.19
C PRO A 8 -0.59 -4.09 22.22
N PRO A 9 0.37 -4.64 21.46
CA PRO A 9 0.04 -5.71 20.53
C PRO A 9 -0.34 -6.99 21.24
N ALA A 10 -1.28 -7.73 20.67
CA ALA A 10 -1.49 -9.13 21.02
C ALA A 10 -0.69 -9.95 20.01
N VAL A 11 -0.03 -11.01 20.47
CA VAL A 11 0.91 -11.78 19.63
C VAL A 11 0.45 -13.23 19.61
N TYR A 12 0.29 -13.76 18.40
CA TYR A 12 -0.12 -15.16 18.19
C TYR A 12 0.91 -15.81 17.30
N LEU A 13 1.59 -16.82 17.85
CA LEU A 13 2.66 -17.50 17.14
C LEU A 13 2.13 -18.86 16.68
N LEU A 14 2.04 -19.04 15.36
CA LEU A 14 1.46 -20.25 14.76
C LEU A 14 2.54 -21.20 14.29
N PRO A 15 2.49 -22.47 14.73
CA PRO A 15 3.44 -23.42 14.17
C PRO A 15 3.08 -23.77 12.73
N PRO A 16 4.00 -24.44 12.00
CA PRO A 16 3.70 -24.86 10.64
C PRO A 16 2.50 -25.80 10.56
N ALA A 17 1.71 -25.69 9.51
CA ALA A 17 0.58 -26.60 9.32
C ALA A 17 1.08 -28.03 9.08
N ARG A 18 0.32 -28.98 9.60
CA ARG A 18 0.64 -30.39 9.45
C ARG A 18 0.75 -30.76 7.97
N GLU A 19 -0.09 -30.17 7.13
CA GLU A 19 -0.04 -30.42 5.66
C GLU A 19 1.32 -30.07 5.06
N GLN A 20 1.97 -29.04 5.58
CA GLN A 20 3.30 -28.66 5.11
C GLN A 20 4.36 -29.64 5.62
N LEU A 21 4.34 -29.87 6.93
CA LEU A 21 5.31 -30.74 7.57
C LEU A 21 5.30 -32.14 6.99
N ASN A 22 4.13 -32.60 6.54
CA ASN A 22 4.02 -33.91 5.89
C ASN A 22 4.98 -34.08 4.71
N LEU A 23 5.30 -32.99 4.03
CA LEU A 23 6.11 -33.04 2.82
C LEU A 23 7.59 -33.27 3.06
N ARG A 24 8.01 -33.13 4.31
CA ARG A 24 9.41 -33.32 4.70
C ARG A 24 10.32 -32.41 3.89
N GLU A 25 9.95 -31.14 3.77
CA GLU A 25 10.84 -30.16 3.13
C GLU A 25 11.01 -28.95 4.04
N SER A 26 10.08 -27.99 3.97
CA SER A 26 10.18 -26.77 4.77
C SER A 26 9.15 -26.71 5.87
N ALA A 27 9.36 -25.74 6.77
CA ALA A 27 8.47 -25.46 7.88
C ALA A 27 8.37 -23.95 8.02
N THR A 28 7.15 -23.42 7.85
CA THR A 28 6.92 -21.99 7.96
C THR A 28 6.20 -21.63 9.26
N VAL A 29 6.88 -20.86 10.09
CA VAL A 29 6.35 -20.39 11.36
C VAL A 29 5.83 -18.97 11.15
N THR A 30 4.65 -18.68 11.69
CA THR A 30 3.99 -17.40 11.43
C THR A 30 3.70 -16.66 12.75
N CYS A 31 4.10 -15.39 12.82
CA CYS A 31 3.81 -14.53 13.97
C CYS A 31 2.78 -13.48 13.56
N LEU A 32 1.60 -13.56 14.13
CA LEU A 32 0.54 -12.59 13.87
C LEU A 32 0.47 -11.63 15.03
N VAL A 33 0.49 -10.34 14.73
CA VAL A 33 0.54 -9.31 15.75
C VAL A 33 -0.64 -8.40 15.52
N LYS A 34 -1.48 -8.21 16.54
CA LYS A 34 -2.77 -7.55 16.35
C LYS A 34 -3.12 -6.51 17.41
N GLY A 35 -4.00 -5.60 17.03
CA GLY A 35 -4.71 -4.75 17.98
C GLY A 35 -3.85 -3.70 18.64
N PHE A 36 -2.80 -3.27 17.95
CA PHE A 36 -1.90 -2.28 18.51
C PHE A 36 -2.11 -0.87 17.95
N SER A 37 -1.62 0.09 18.73
CA SER A 37 -1.72 1.49 18.42
C SER A 37 -0.72 2.25 19.29
N PRO A 38 0.12 3.11 18.68
CA PRO A 38 0.19 3.49 17.27
C PRO A 38 0.75 2.39 16.36
N ALA A 39 0.83 2.70 15.07
CA ALA A 39 1.24 1.74 14.05
C ALA A 39 2.67 1.29 14.20
N ASP A 40 3.52 2.16 14.75
CA ASP A 40 4.96 1.88 14.80
C ASP A 40 5.30 0.66 15.65
N ILE A 41 6.08 -0.26 15.08
CA ILE A 41 6.30 -1.58 15.69
C ILE A 41 7.48 -2.29 15.04
N SER A 42 8.12 -3.16 15.81
CA SER A 42 9.14 -4.05 15.26
C SER A 42 8.67 -5.47 15.48
N VAL A 43 8.76 -6.29 14.45
CA VAL A 43 8.42 -7.70 14.57
C VAL A 43 9.51 -8.47 13.87
N GLN A 44 10.03 -9.47 14.58
CA GLN A 44 11.37 -9.93 14.34
C GLN A 44 11.57 -11.33 14.96
N TRP A 45 12.61 -12.04 14.57
CA TRP A 45 12.83 -13.39 15.05
C TRP A 45 14.16 -13.57 15.74
N LEU A 46 14.15 -14.48 16.71
CA LEU A 46 15.33 -14.84 17.45
C LEU A 46 15.38 -16.36 17.45
N GLN A 47 16.55 -16.89 17.13
CA GLN A 47 16.78 -18.32 17.09
C GLN A 47 18.18 -18.55 17.61
N ARG A 48 18.32 -19.58 18.44
CA ARG A 48 19.58 -19.87 19.12
C ARG A 48 20.10 -18.66 19.87
N GLY A 49 19.20 -18.01 20.58
CA GLY A 49 19.51 -16.91 21.46
C GLY A 49 20.03 -15.69 20.76
N GLN A 50 19.78 -15.60 19.45
CA GLN A 50 20.33 -14.52 18.65
C GLN A 50 19.31 -13.97 17.66
N LEU A 51 19.16 -12.65 17.65
CA LEU A 51 18.28 -11.99 16.69
C LEU A 51 18.78 -12.25 15.29
N LEU A 52 17.91 -12.74 14.41
CA LEU A 52 18.33 -13.08 13.06
C LEU A 52 18.50 -11.81 12.22
N PRO A 53 19.43 -11.83 11.25
CA PRO A 53 19.52 -10.71 10.32
C PRO A 53 18.24 -10.58 9.49
N GLN A 54 17.97 -9.38 8.99
CA GLN A 54 16.73 -9.09 8.28
C GLN A 54 16.51 -9.98 7.05
N GLU A 55 17.60 -10.33 6.37
CA GLU A 55 17.48 -11.14 5.16
C GLU A 55 17.02 -12.59 5.42
N LYS A 56 16.94 -13.01 6.67
CA LYS A 56 16.51 -14.37 7.02
C LYS A 56 15.02 -14.51 7.33
N TYR A 57 14.25 -13.43 7.29
CA TYR A 57 12.81 -13.49 7.55
C TYR A 57 12.09 -12.38 6.80
N VAL A 58 10.76 -12.41 6.88
CA VAL A 58 9.92 -11.48 6.15
C VAL A 58 8.86 -10.92 7.10
N THR A 59 8.83 -9.60 7.21
CA THR A 59 7.87 -8.89 8.07
C THR A 59 7.19 -7.79 7.25
N SER A 60 5.86 -7.76 7.35
CA SER A 60 5.06 -6.79 6.62
C SER A 60 5.03 -5.47 7.37
N ALA A 61 4.83 -4.38 6.63
CA ALA A 61 4.53 -3.10 7.26
C ALA A 61 3.15 -3.23 7.93
N PRO A 62 2.93 -2.47 9.00
CA PRO A 62 1.62 -2.51 9.65
C PRO A 62 0.46 -2.08 8.75
N MET A 63 -0.70 -2.68 8.96
CA MET A 63 -1.90 -2.38 8.17
C MET A 63 -3.07 -2.08 9.10
N PRO A 64 -4.05 -1.27 8.64
CA PRO A 64 -5.23 -1.03 9.48
C PRO A 64 -6.01 -2.31 9.77
N GLU A 65 -6.42 -2.51 11.00
CA GLU A 65 -7.20 -3.69 11.33
C GLU A 65 -8.62 -3.49 10.81
N PRO A 66 -9.11 -4.41 9.96
CA PRO A 66 -10.39 -4.23 9.27
C PRO A 66 -11.54 -3.78 10.17
N GLY A 67 -11.72 -4.45 11.29
CA GLY A 67 -12.84 -4.16 12.19
C GLY A 67 -12.61 -2.97 13.12
N ALA A 68 -11.35 -2.60 13.33
CA ALA A 68 -10.97 -1.75 14.44
C ALA A 68 -10.28 -0.45 13.99
N PRO A 69 -11.06 0.56 13.57
CA PRO A 69 -10.47 1.84 13.15
C PRO A 69 -9.56 2.46 14.21
N GLY A 70 -8.37 2.86 13.78
CA GLY A 70 -7.35 3.37 14.69
C GLY A 70 -6.40 2.30 15.23
N PHE A 71 -6.63 1.03 14.91
CA PHE A 71 -5.74 -0.06 15.34
C PHE A 71 -5.11 -0.75 14.14
N TYR A 72 -3.97 -1.39 14.37
CA TYR A 72 -3.15 -1.95 13.30
C TYR A 72 -2.77 -3.41 13.56
N PHE A 73 -2.32 -4.08 12.50
CA PHE A 73 -1.82 -5.43 12.63
C PHE A 73 -0.70 -5.66 11.62
N THR A 74 0.10 -6.69 11.88
CA THR A 74 1.07 -7.14 10.90
C THR A 74 1.37 -8.61 11.14
N HIS A 75 2.19 -9.16 10.26
CA HIS A 75 2.62 -10.54 10.36
C HIS A 75 4.04 -10.68 9.89
N SER A 76 4.68 -11.74 10.36
CA SER A 76 6.04 -12.03 10.01
C SER A 76 6.13 -13.52 9.88
N ILE A 77 6.99 -13.97 9.00
CA ILE A 77 7.19 -15.40 8.80
C ILE A 77 8.66 -15.79 8.76
N LEU A 78 8.92 -16.99 9.25
CA LEU A 78 10.25 -17.57 9.25
C LEU A 78 10.12 -18.97 8.67
N THR A 79 10.93 -19.27 7.66
CA THR A 79 10.89 -20.58 7.02
C THR A 79 12.22 -21.31 7.19
N VAL A 80 12.15 -22.49 7.82
CA VAL A 80 13.31 -23.35 8.07
C VAL A 80 13.01 -24.73 7.49
N THR A 81 13.95 -25.67 7.62
CA THR A 81 13.72 -27.02 7.13
C THR A 81 12.79 -27.76 8.08
N GLU A 82 11.97 -28.67 7.55
CA GLU A 82 11.13 -29.51 8.40
C GLU A 82 11.97 -30.31 9.40
N GLU A 83 13.15 -30.79 8.97
CA GLU A 83 14.04 -31.54 9.90
C GLU A 83 14.43 -30.70 11.10
N GLU A 84 14.81 -29.45 10.86
CA GLU A 84 15.20 -28.56 11.94
C GLU A 84 14.06 -28.42 12.92
N TRP A 85 12.87 -28.18 12.39
CA TRP A 85 11.67 -28.04 13.20
C TRP A 85 11.44 -29.28 14.04
N ASN A 86 11.50 -30.44 13.39
CA ASN A 86 11.26 -31.69 14.09
C ASN A 86 12.34 -32.02 15.13
N SER A 87 13.54 -31.48 14.97
CA SER A 87 14.67 -31.75 15.87
C SER A 87 14.51 -31.10 17.26
N GLY A 88 13.49 -30.25 17.42
CA GLY A 88 13.22 -29.59 18.70
C GLY A 88 13.76 -28.17 18.79
N GLU A 89 14.21 -27.62 17.67
CA GLU A 89 14.62 -26.23 17.62
C GLU A 89 13.48 -25.30 18.09
N THR A 90 13.83 -24.29 18.87
CA THR A 90 12.86 -23.26 19.28
C THR A 90 12.97 -22.02 18.41
N TYR A 91 11.85 -21.33 18.26
CA TYR A 91 11.75 -20.12 17.46
C TYR A 91 10.96 -19.08 18.24
N THR A 92 11.53 -17.88 18.34
CA THR A 92 10.99 -16.82 19.16
C THR A 92 10.63 -15.62 18.30
N CYS A 93 9.37 -15.20 18.35
CA CYS A 93 8.96 -13.95 17.73
C CYS A 93 9.17 -12.82 18.74
N VAL A 94 9.86 -11.77 18.29
CA VAL A 94 10.24 -10.64 19.15
C VAL A 94 9.57 -9.36 18.67
N VAL A 95 8.76 -8.76 19.54
CA VAL A 95 7.88 -7.65 19.14
C VAL A 95 8.13 -6.42 20.01
N GLY A 96 8.52 -5.31 19.37
CA GLY A 96 8.83 -4.07 20.09
C GLY A 96 7.73 -3.05 19.85
N HIS A 97 7.15 -2.52 20.93
CA HIS A 97 6.08 -1.54 20.82
C HIS A 97 6.03 -0.65 22.05
N GLU A 98 5.79 0.63 21.85
CA GLU A 98 5.85 1.65 22.91
C GLU A 98 4.73 1.52 23.95
N ALA A 99 3.65 0.84 23.61
CA ALA A 99 2.59 0.54 24.59
C ALA A 99 2.91 -0.65 25.50
N LEU A 100 3.98 -1.37 25.22
CA LEU A 100 4.38 -2.46 26.11
C LEU A 100 5.19 -1.88 27.28
N PRO A 101 4.76 -2.15 28.53
CA PRO A 101 5.53 -1.63 29.65
C PRO A 101 6.99 -2.05 29.64
N HIS A 102 7.25 -3.30 29.26
CA HIS A 102 8.63 -3.78 29.18
C HIS A 102 9.23 -3.60 27.79
N LEU A 103 8.52 -2.90 26.89
CA LEU A 103 9.02 -2.43 25.60
C LEU A 103 9.06 -3.53 24.52
N VAL A 104 9.47 -4.73 24.91
CA VAL A 104 9.52 -5.88 24.03
C VAL A 104 8.79 -7.04 24.68
N THR A 105 7.99 -7.74 23.89
CA THR A 105 7.37 -8.99 24.32
C THR A 105 7.78 -10.10 23.36
N GLU A 106 7.86 -11.33 23.86
CA GLU A 106 8.29 -12.48 23.08
C GLU A 106 7.36 -13.68 23.22
N ARG A 107 7.27 -14.48 22.16
CA ARG A 107 6.60 -15.77 22.21
C ARG A 107 7.52 -16.78 21.57
N THR A 108 7.51 -18.00 22.09
CA THR A 108 8.35 -19.06 21.55
C THR A 108 7.47 -20.25 21.16
N VAL A 109 7.84 -20.92 20.06
CA VAL A 109 7.21 -22.18 19.66
C VAL A 109 8.27 -23.21 19.34
N ASP A 110 7.89 -24.46 19.53
CA ASP A 110 8.64 -25.60 19.01
C ASP A 110 7.64 -26.72 18.73
N LYS A 111 8.16 -27.88 18.31
CA LYS A 111 7.32 -29.01 17.91
C LYS A 111 6.26 -29.43 18.94
N SER A 112 6.58 -29.31 20.23
CA SER A 112 5.65 -29.69 21.30
C SER A 112 4.50 -28.67 21.45
N THR A 113 4.84 -27.41 21.21
CA THR A 113 3.93 -26.28 20.90
C THR A 113 4.46 -25.02 21.55
N HIS B 5 3.00 34.10 -26.32
CA HIS B 5 4.10 33.10 -26.52
C HIS B 5 3.60 31.69 -26.15
N LYS B 6 3.96 30.71 -26.96
CA LYS B 6 3.47 29.34 -26.78
C LYS B 6 4.56 28.41 -26.27
N HIS B 7 4.17 27.50 -25.39
CA HIS B 7 5.12 26.55 -24.84
C HIS B 7 4.38 25.29 -24.39
N PRO B 8 4.93 24.10 -24.75
CA PRO B 8 4.25 22.86 -24.44
C PRO B 8 4.37 22.47 -22.98
N PRO B 9 3.42 21.67 -22.47
CA PRO B 9 3.52 21.16 -21.12
C PRO B 9 4.61 20.10 -20.97
N ALA B 10 5.23 20.04 -19.81
CA ALA B 10 5.99 18.86 -19.42
C ALA B 10 5.07 18.09 -18.50
N VAL B 11 5.07 16.77 -18.63
CA VAL B 11 4.17 15.92 -17.88
C VAL B 11 4.96 14.92 -17.05
N TYR B 12 4.60 14.77 -15.79
CA TYR B 12 5.28 13.85 -14.88
C TYR B 12 4.20 13.03 -14.22
N LEU B 13 4.43 11.72 -14.14
CA LEU B 13 3.41 10.81 -13.63
C LEU B 13 3.97 10.10 -12.42
N LEU B 14 3.37 10.36 -11.25
CA LEU B 14 3.86 9.82 -10.00
C LEU B 14 3.01 8.64 -9.55
N PRO B 15 3.66 7.49 -9.30
CA PRO B 15 2.90 6.37 -8.79
C PRO B 15 2.53 6.62 -7.33
N PRO B 16 1.58 5.83 -6.78
CA PRO B 16 1.19 5.95 -5.37
C PRO B 16 2.36 5.76 -4.44
N ALA B 17 2.35 6.47 -3.32
CA ALA B 17 3.38 6.36 -2.33
C ALA B 17 3.32 4.98 -1.70
N ARG B 18 4.49 4.49 -1.34
CA ARG B 18 4.65 3.26 -0.57
C ARG B 18 3.84 3.30 0.72
N GLU B 19 3.86 4.44 1.40
CA GLU B 19 3.12 4.63 2.65
C GLU B 19 1.64 4.36 2.44
N GLN B 20 1.12 4.78 1.29
CA GLN B 20 -0.29 4.59 1.01
C GLN B 20 -0.55 3.13 0.72
N LEU B 21 0.26 2.57 -0.16
CA LEU B 21 0.03 1.21 -0.61
C LEU B 21 0.11 0.23 0.57
N ASN B 22 1.06 0.42 1.48
CA ASN B 22 1.18 -0.40 2.70
C ASN B 22 -0.11 -0.59 3.46
N LEU B 23 -1.03 0.36 3.34
CA LEU B 23 -2.27 0.33 4.11
C LEU B 23 -3.38 -0.47 3.43
N ARG B 24 -3.11 -0.94 2.20
CA ARG B 24 -3.97 -1.92 1.50
C ARG B 24 -5.38 -1.43 1.17
N GLU B 25 -5.52 -0.14 0.94
CA GLU B 25 -6.81 0.46 0.68
C GLU B 25 -6.85 1.05 -0.75
N SER B 26 -6.40 2.30 -0.89
CA SER B 26 -6.47 3.00 -2.18
C SER B 26 -5.08 3.33 -2.68
N ALA B 27 -5.00 3.63 -3.97
CA ALA B 27 -3.74 3.92 -4.62
C ALA B 27 -3.99 5.13 -5.49
N THR B 28 -3.33 6.24 -5.16
CA THR B 28 -3.56 7.51 -5.83
C THR B 28 -2.39 7.81 -6.75
N VAL B 29 -2.69 7.97 -8.04
CA VAL B 29 -1.73 8.30 -9.07
C VAL B 29 -1.88 9.79 -9.42
N THR B 30 -0.76 10.50 -9.48
CA THR B 30 -0.75 11.94 -9.59
C THR B 30 -0.03 12.34 -10.89
N CYS B 31 -0.72 13.10 -11.74
CA CYS B 31 -0.13 13.63 -12.96
C CYS B 31 0.17 15.10 -12.76
N LEU B 32 1.45 15.46 -12.76
CA LEU B 32 1.84 16.86 -12.68
C LEU B 32 2.07 17.40 -14.11
N VAL B 33 1.48 18.56 -14.42
CA VAL B 33 1.58 19.15 -15.77
C VAL B 33 2.07 20.57 -15.63
N LYS B 34 3.24 20.85 -16.21
CA LYS B 34 3.97 22.08 -15.93
C LYS B 34 4.44 22.83 -17.19
N GLY B 35 4.57 24.13 -17.05
CA GLY B 35 5.37 24.94 -17.96
C GLY B 35 4.71 25.28 -19.27
N PHE B 36 3.39 25.31 -19.33
CA PHE B 36 2.71 25.49 -20.60
C PHE B 36 2.03 26.85 -20.73
N SER B 37 1.91 27.27 -21.98
CA SER B 37 1.23 28.50 -22.36
C SER B 37 0.69 28.34 -23.78
N PRO B 38 -0.57 28.73 -24.02
CA PRO B 38 -1.55 29.33 -23.09
C PRO B 38 -2.12 28.32 -22.09
N ALA B 39 -3.09 28.73 -21.29
CA ALA B 39 -3.60 27.91 -20.19
C ALA B 39 -4.49 26.77 -20.67
N ASP B 40 -5.08 26.94 -21.85
CA ASP B 40 -5.96 25.91 -22.41
C ASP B 40 -5.22 24.57 -22.52
N ILE B 41 -5.81 23.52 -21.96
CA ILE B 41 -5.16 22.23 -21.85
C ILE B 41 -6.20 21.13 -21.58
N SER B 42 -5.93 19.92 -22.04
CA SER B 42 -6.83 18.78 -21.82
C SER B 42 -6.09 17.68 -21.11
N VAL B 43 -6.76 17.06 -20.12
CA VAL B 43 -6.19 15.92 -19.42
C VAL B 43 -7.24 14.82 -19.33
N GLN B 44 -6.83 13.60 -19.67
CA GLN B 44 -7.67 12.43 -19.48
C GLN B 44 -6.80 11.23 -19.11
N TRP B 45 -7.43 10.14 -18.71
CA TRP B 45 -6.70 8.99 -18.24
C TRP B 45 -7.10 7.72 -18.96
N LEU B 46 -6.15 6.78 -19.02
CA LEU B 46 -6.44 5.44 -19.53
C LEU B 46 -6.09 4.38 -18.50
N GLN B 47 -6.88 3.32 -18.50
CA GLN B 47 -6.57 2.11 -17.78
C GLN B 47 -6.49 1.01 -18.83
N ARG B 48 -5.33 0.39 -18.98
CA ARG B 48 -5.07 -0.59 -20.04
C ARG B 48 -5.41 -0.06 -21.43
N GLY B 49 -4.97 1.17 -21.70
CA GLY B 49 -5.28 1.84 -22.96
C GLY B 49 -6.73 2.26 -23.13
N GLN B 50 -7.57 1.93 -22.15
CA GLN B 50 -9.00 2.22 -22.23
C GLN B 50 -9.27 3.57 -21.63
N LEU B 51 -9.95 4.43 -22.38
CA LEU B 51 -10.34 5.73 -21.88
C LEU B 51 -11.24 5.61 -20.65
N LEU B 52 -10.78 6.14 -19.51
CA LEU B 52 -11.64 6.23 -18.32
C LEU B 52 -12.59 7.43 -18.45
N PRO B 53 -13.83 7.30 -17.97
CA PRO B 53 -14.75 8.43 -17.95
C PRO B 53 -14.28 9.53 -16.97
N GLN B 54 -14.74 10.76 -17.21
CA GLN B 54 -14.42 11.94 -16.39
C GLN B 54 -14.58 11.72 -14.90
N GLU B 55 -15.65 11.03 -14.54
CA GLU B 55 -16.08 10.94 -13.17
C GLU B 55 -15.10 10.15 -12.32
N LYS B 56 -14.22 9.41 -12.99
CA LYS B 56 -13.24 8.56 -12.30
C LYS B 56 -11.96 9.27 -11.90
N TYR B 57 -11.81 10.55 -12.25
CA TYR B 57 -10.60 11.31 -11.88
C TYR B 57 -10.94 12.78 -11.63
N VAL B 58 -9.95 13.51 -11.12
CA VAL B 58 -10.12 14.91 -10.75
C VAL B 58 -8.98 15.73 -11.31
N THR B 59 -9.31 16.80 -12.01
CA THR B 59 -8.32 17.66 -12.64
C THR B 59 -8.59 19.10 -12.24
N SER B 60 -7.57 19.80 -11.76
CA SER B 60 -7.74 21.18 -11.36
C SER B 60 -7.64 22.10 -12.57
N ALA B 61 -8.22 23.29 -12.44
CA ALA B 61 -8.15 24.31 -13.47
C ALA B 61 -6.71 24.82 -13.47
N PRO B 62 -6.15 25.07 -14.66
CA PRO B 62 -4.77 25.56 -14.71
C PRO B 62 -4.58 26.82 -13.86
N MET B 63 -3.40 26.95 -13.25
CA MET B 63 -3.06 28.11 -12.43
C MET B 63 -1.74 28.69 -12.90
N PRO B 64 -1.51 29.99 -12.68
CA PRO B 64 -0.28 30.64 -13.12
C PRO B 64 0.90 30.15 -12.31
N GLU B 65 2.00 29.81 -12.98
CA GLU B 65 3.17 29.27 -12.30
C GLU B 65 3.87 30.33 -11.46
N PRO B 66 4.02 30.10 -10.14
CA PRO B 66 4.78 31.02 -9.29
C PRO B 66 6.23 31.13 -9.75
N GLY B 67 6.69 32.35 -10.00
CA GLY B 67 8.07 32.57 -10.41
C GLY B 67 8.28 32.55 -11.91
N ALA B 68 7.35 31.94 -12.65
CA ALA B 68 7.42 31.83 -14.11
C ALA B 68 6.24 32.59 -14.76
N PRO B 69 6.31 33.93 -14.76
CA PRO B 69 5.23 34.74 -15.34
C PRO B 69 4.93 34.39 -16.80
N GLY B 70 3.66 34.18 -17.12
CA GLY B 70 3.24 33.78 -18.47
C GLY B 70 3.00 32.28 -18.65
N PHE B 71 3.50 31.47 -17.71
CA PHE B 71 3.35 30.02 -17.77
C PHE B 71 2.29 29.53 -16.77
N TYR B 72 1.79 28.32 -17.03
CA TYR B 72 0.73 27.73 -16.22
C TYR B 72 1.06 26.30 -15.82
N PHE B 73 0.30 25.78 -14.86
CA PHE B 73 0.43 24.41 -14.43
C PHE B 73 -0.92 23.86 -13.95
N THR B 74 -1.05 22.56 -13.96
CA THR B 74 -2.20 21.94 -13.31
C THR B 74 -1.80 20.55 -12.90
N HIS B 75 -2.73 19.85 -12.25
CA HIS B 75 -2.54 18.47 -11.99
C HIS B 75 -3.85 17.71 -11.93
N SER B 76 -3.72 16.41 -12.03
CA SER B 76 -4.88 15.53 -12.10
C SER B 76 -4.51 14.29 -11.32
N ILE B 77 -5.50 13.72 -10.62
CA ILE B 77 -5.27 12.56 -9.76
C ILE B 77 -6.25 11.45 -10.11
N LEU B 78 -5.73 10.24 -10.19
CA LEU B 78 -6.53 9.04 -10.37
C LEU B 78 -6.33 8.17 -9.15
N THR B 79 -7.41 7.93 -8.42
CA THR B 79 -7.37 7.07 -7.26
C THR B 79 -8.06 5.73 -7.61
N VAL B 80 -7.28 4.64 -7.54
CA VAL B 80 -7.81 3.28 -7.73
C VAL B 80 -7.61 2.48 -6.44
N THR B 81 -8.07 1.22 -6.42
CA THR B 81 -7.89 0.37 -5.24
C THR B 81 -6.48 -0.19 -5.22
N GLU B 82 -5.96 -0.44 -4.02
CA GLU B 82 -4.60 -0.94 -3.91
C GLU B 82 -4.48 -2.32 -4.60
N GLU B 83 -5.53 -3.11 -4.48
CA GLU B 83 -5.64 -4.37 -5.21
C GLU B 83 -5.40 -4.23 -6.73
N GLU B 84 -6.06 -3.25 -7.35
CA GLU B 84 -5.90 -3.00 -8.80
C GLU B 84 -4.45 -2.62 -9.11
N TRP B 85 -3.88 -1.73 -8.30
CA TRP B 85 -2.50 -1.34 -8.50
C TRP B 85 -1.59 -2.57 -8.46
N ASN B 86 -1.78 -3.41 -7.46
CA ASN B 86 -0.94 -4.61 -7.24
C ASN B 86 -1.05 -5.62 -8.38
N SER B 87 -2.20 -5.62 -9.07
CA SER B 87 -2.39 -6.50 -10.23
C SER B 87 -1.32 -6.27 -11.32
N GLY B 88 -0.75 -5.08 -11.38
CA GLY B 88 0.28 -4.76 -12.37
C GLY B 88 -0.26 -4.03 -13.58
N GLU B 89 -1.56 -3.70 -13.53
CA GLU B 89 -2.22 -2.97 -14.60
C GLU B 89 -1.63 -1.56 -14.81
N THR B 90 -1.71 -1.05 -16.05
CA THR B 90 -1.10 0.23 -16.43
C THR B 90 -2.08 1.37 -16.39
N TYR B 91 -1.59 2.56 -16.06
CA TYR B 91 -2.39 3.78 -16.09
C TYR B 91 -1.65 4.88 -16.83
N THR B 92 -2.35 5.55 -17.74
CA THR B 92 -1.73 6.63 -18.50
C THR B 92 -2.50 7.96 -18.40
N CYS B 93 -1.73 9.01 -18.18
CA CYS B 93 -2.19 10.38 -18.16
C CYS B 93 -1.95 10.94 -19.55
N VAL B 94 -3.01 11.48 -20.16
CA VAL B 94 -3.00 11.94 -21.53
C VAL B 94 -3.25 13.42 -21.53
N VAL B 95 -2.28 14.18 -22.05
CA VAL B 95 -2.31 15.63 -21.97
C VAL B 95 -2.31 16.22 -23.38
N GLY B 96 -3.39 16.93 -23.73
CA GLY B 96 -3.51 17.59 -25.02
C GLY B 96 -3.26 19.08 -24.91
N HIS B 97 -2.44 19.63 -25.81
CA HIS B 97 -2.10 21.06 -25.80
C HIS B 97 -1.56 21.53 -27.16
N GLU B 98 -1.92 22.76 -27.53
CA GLU B 98 -1.69 23.31 -28.88
C GLU B 98 -0.21 23.56 -29.24
N ALA B 99 0.62 23.78 -28.23
CA ALA B 99 2.06 23.95 -28.45
C ALA B 99 2.81 22.63 -28.61
N LEU B 100 2.13 21.50 -28.41
CA LEU B 100 2.74 20.20 -28.66
C LEU B 100 2.62 19.89 -30.15
N PRO B 101 3.75 19.61 -30.83
CA PRO B 101 3.71 19.24 -32.27
C PRO B 101 2.66 18.20 -32.64
N HIS B 102 2.63 17.09 -31.89
CA HIS B 102 1.66 16.03 -32.14
C HIS B 102 0.39 16.21 -31.30
N LEU B 103 0.21 17.42 -30.75
CA LEU B 103 -1.00 17.81 -30.01
C LEU B 103 -1.14 17.15 -28.63
N VAL B 104 -0.51 15.99 -28.40
CA VAL B 104 -0.67 15.23 -27.16
C VAL B 104 0.65 14.60 -26.71
N THR B 105 0.87 14.59 -25.39
CA THR B 105 1.87 13.74 -24.76
C THR B 105 1.21 12.84 -23.74
N GLU B 106 1.78 11.66 -23.55
CA GLU B 106 1.30 10.69 -22.57
C GLU B 106 2.40 10.22 -21.67
N ARG B 107 2.00 9.73 -20.50
CA ARG B 107 2.89 9.04 -19.59
C ARG B 107 2.11 7.87 -19.00
N THR B 108 2.81 6.76 -18.79
CA THR B 108 2.18 5.54 -18.29
C THR B 108 2.97 5.05 -17.10
N VAL B 109 2.26 4.56 -16.08
CA VAL B 109 2.88 3.94 -14.92
C VAL B 109 2.18 2.64 -14.53
N ASP B 110 2.93 1.80 -13.82
CA ASP B 110 2.38 0.62 -13.16
C ASP B 110 3.25 0.25 -11.95
N LYS B 111 2.97 -0.87 -11.31
CA LYS B 111 3.64 -1.18 -10.05
C LYS B 111 5.15 -1.44 -10.19
N SER B 112 5.59 -1.81 -11.40
CA SER B 112 7.02 -2.02 -11.64
C SER B 112 7.79 -0.70 -11.84
N THR B 113 7.08 0.38 -12.16
CA THR B 113 7.70 1.70 -12.29
C THR B 113 8.25 2.18 -10.96
N LYS C 6 16.53 27.02 0.69
CA LYS C 6 15.35 27.29 1.57
C LYS C 6 14.19 27.81 0.73
N HIS C 7 13.11 27.06 0.67
CA HIS C 7 11.93 27.48 -0.08
C HIS C 7 10.65 26.86 0.49
N PRO C 8 9.60 27.68 0.69
CA PRO C 8 8.40 27.14 1.32
C PRO C 8 7.59 26.26 0.38
N PRO C 9 6.74 25.39 0.95
CA PRO C 9 5.83 24.59 0.14
C PRO C 9 4.64 25.41 -0.37
N ALA C 10 4.14 25.03 -1.54
CA ALA C 10 2.87 25.47 -2.05
C ALA C 10 1.91 24.30 -1.93
N VAL C 11 0.68 24.57 -1.52
CA VAL C 11 -0.28 23.53 -1.18
C VAL C 11 -1.49 23.56 -2.11
N TYR C 12 -1.97 22.37 -2.48
CA TYR C 12 -3.10 22.25 -3.40
C TYR C 12 -4.01 21.11 -2.98
N LEU C 13 -5.30 21.41 -2.85
CA LEU C 13 -6.30 20.43 -2.41
C LEU C 13 -7.11 20.04 -3.61
N LEU C 14 -7.40 18.75 -3.73
CA LEU C 14 -8.30 18.26 -4.74
C LEU C 14 -9.40 17.43 -4.07
N PRO C 15 -10.66 17.64 -4.46
CA PRO C 15 -11.77 16.91 -3.85
C PRO C 15 -11.85 15.49 -4.40
N PRO C 16 -12.78 14.66 -3.88
CA PRO C 16 -12.95 13.31 -4.36
C PRO C 16 -13.49 13.24 -5.78
N ALA C 17 -13.15 12.17 -6.51
CA ALA C 17 -13.70 11.94 -7.83
C ALA C 17 -15.18 11.62 -7.71
N ARG C 18 -15.95 12.15 -8.64
CA ARG C 18 -17.39 11.94 -8.68
C ARG C 18 -17.81 10.46 -8.58
N GLU C 19 -17.16 9.62 -9.37
CA GLU C 19 -17.51 8.22 -9.45
C GLU C 19 -17.43 7.57 -8.07
N GLN C 20 -16.37 7.89 -7.35
CA GLN C 20 -16.18 7.37 -6.03
C GLN C 20 -17.33 7.76 -5.12
N LEU C 21 -17.72 9.02 -5.17
CA LEU C 21 -18.86 9.49 -4.39
C LEU C 21 -20.16 8.77 -4.74
N ASN C 22 -20.31 8.34 -5.98
CA ASN C 22 -21.51 7.57 -6.36
C ASN C 22 -21.58 6.24 -5.63
N LEU C 23 -20.43 5.61 -5.39
CA LEU C 23 -20.38 4.33 -4.66
C LEU C 23 -20.91 4.44 -3.23
N ARG C 24 -20.92 5.67 -2.69
CA ARG C 24 -21.52 5.97 -1.38
C ARG C 24 -20.82 5.26 -0.23
N GLU C 25 -19.52 5.07 -0.36
CA GLU C 25 -18.73 4.44 0.69
C GLU C 25 -17.72 5.45 1.23
N SER C 26 -16.49 5.39 0.74
CA SER C 26 -15.43 6.28 1.19
C SER C 26 -15.29 7.45 0.24
N ALA C 27 -14.68 8.52 0.73
CA ALA C 27 -14.29 9.68 -0.09
C ALA C 27 -12.83 9.99 0.17
N THR C 28 -12.07 10.19 -0.89
CA THR C 28 -10.64 10.45 -0.79
C THR C 28 -10.39 11.93 -1.11
N VAL C 29 -9.76 12.64 -0.17
CA VAL C 29 -9.39 14.06 -0.34
C VAL C 29 -7.87 14.16 -0.38
N THR C 30 -7.34 14.89 -1.36
CA THR C 30 -5.93 14.85 -1.68
C THR C 30 -5.27 16.21 -1.44
N CYS C 31 -4.19 16.21 -0.68
CA CYS C 31 -3.37 17.42 -0.46
C CYS C 31 -2.01 17.22 -1.10
N LEU C 32 -1.74 17.98 -2.16
CA LEU C 32 -0.41 17.98 -2.80
C LEU C 32 0.44 19.15 -2.29
N VAL C 33 1.68 18.85 -1.93
CA VAL C 33 2.56 19.84 -1.33
C VAL C 33 3.84 19.86 -2.14
N LYS C 34 4.14 21.01 -2.77
CA LYS C 34 5.20 21.12 -3.77
C LYS C 34 6.25 22.19 -3.51
N GLY C 35 7.41 22.00 -4.13
CA GLY C 35 8.41 23.06 -4.26
C GLY C 35 9.10 23.49 -2.99
N PHE C 36 9.17 22.60 -2.00
CA PHE C 36 9.78 22.93 -0.71
C PHE C 36 11.19 22.38 -0.52
N SER C 37 11.99 23.16 0.21
CA SER C 37 13.31 22.73 0.68
C SER C 37 13.60 23.47 1.99
N PRO C 38 14.14 22.77 3.01
CA PRO C 38 14.54 21.38 3.03
C PRO C 38 13.34 20.43 3.11
N ALA C 39 13.65 19.14 3.08
CA ALA C 39 12.61 18.10 2.99
C ALA C 39 11.72 18.00 4.22
N ASP C 40 12.20 18.48 5.37
CA ASP C 40 11.46 18.34 6.61
C ASP C 40 10.17 19.13 6.55
N ILE C 41 9.05 18.47 6.83
CA ILE C 41 7.73 19.09 6.71
C ILE C 41 6.72 18.35 7.59
N SER C 42 5.63 19.01 7.94
CA SER C 42 4.55 18.31 8.63
C SER C 42 3.24 18.56 7.92
N VAL C 43 2.34 17.58 7.98
CA VAL C 43 0.99 17.72 7.44
C VAL C 43 -0.02 17.16 8.43
N GLN C 44 -1.11 17.89 8.64
CA GLN C 44 -2.22 17.39 9.43
C GLN C 44 -3.53 17.92 8.87
N TRP C 45 -4.63 17.29 9.26
CA TRP C 45 -5.92 17.62 8.68
C TRP C 45 -6.96 17.98 9.74
N LEU C 46 -7.82 18.91 9.37
CA LEU C 46 -8.93 19.32 10.21
C LEU C 46 -10.26 19.02 9.51
N GLN C 47 -11.27 18.80 10.33
CA GLN C 47 -12.65 18.74 9.90
C GLN C 47 -13.36 19.80 10.74
N ARG C 48 -13.97 20.78 10.09
CA ARG C 48 -14.61 21.90 10.78
C ARG C 48 -13.66 22.52 11.80
N GLY C 49 -12.40 22.73 11.41
CA GLY C 49 -11.42 23.31 12.33
C GLY C 49 -10.90 22.44 13.48
N GLN C 50 -11.31 21.18 13.55
CA GLN C 50 -10.87 20.25 14.60
C GLN C 50 -9.96 19.17 14.06
N LEU C 51 -8.90 18.88 14.80
CA LEU C 51 -7.93 17.86 14.40
C LEU C 51 -8.59 16.51 14.16
N LEU C 52 -8.33 15.92 12.99
CA LEU C 52 -8.75 14.57 12.70
C LEU C 52 -7.65 13.64 13.18
N PRO C 53 -8.02 12.42 13.61
CA PRO C 53 -6.97 11.51 14.07
C PRO C 53 -6.09 11.04 12.92
N GLN C 54 -4.82 10.81 13.24
CA GLN C 54 -3.79 10.38 12.29
C GLN C 54 -4.24 9.24 11.38
N GLU C 55 -4.96 8.28 11.95
CA GLU C 55 -5.34 7.07 11.22
C GLU C 55 -6.23 7.32 10.00
N LYS C 56 -6.85 8.49 9.91
CA LYS C 56 -7.73 8.80 8.77
C LYS C 56 -6.97 9.26 7.52
N TYR C 57 -5.68 9.53 7.64
CA TYR C 57 -4.93 10.00 6.48
C TYR C 57 -3.52 9.46 6.45
N VAL C 58 -2.93 9.56 5.26
CA VAL C 58 -1.60 9.01 5.05
C VAL C 58 -0.76 9.96 4.21
N THR C 59 0.40 10.30 4.77
CA THR C 59 1.30 11.29 4.19
C THR C 59 2.58 10.60 3.73
N SER C 60 2.99 10.90 2.50
CA SER C 60 4.16 10.26 1.92
C SER C 60 5.44 10.95 2.37
N ALA C 61 6.51 10.17 2.52
CA ALA C 61 7.82 10.75 2.83
C ALA C 61 8.22 11.66 1.67
N PRO C 62 8.72 12.87 1.99
CA PRO C 62 9.11 13.80 0.92
C PRO C 62 10.11 13.18 -0.03
N MET C 63 9.92 13.46 -1.32
CA MET C 63 10.80 12.95 -2.37
C MET C 63 11.17 14.09 -3.31
N PRO C 64 12.27 13.94 -4.06
CA PRO C 64 12.62 14.94 -5.05
C PRO C 64 11.43 15.17 -5.98
N GLU C 65 11.08 16.43 -6.22
CA GLU C 65 9.90 16.74 -7.03
C GLU C 65 10.27 16.69 -8.51
N PRO C 66 9.61 15.78 -9.26
CA PRO C 66 9.87 15.75 -10.70
C PRO C 66 9.57 17.10 -11.36
N GLY C 67 10.50 17.58 -12.19
CA GLY C 67 10.39 18.90 -12.80
C GLY C 67 10.91 20.04 -11.94
N ALA C 68 11.45 19.73 -10.76
CA ALA C 68 11.98 20.76 -9.89
C ALA C 68 13.16 20.26 -9.08
N PRO C 69 14.28 19.94 -9.75
CA PRO C 69 15.47 19.48 -9.03
C PRO C 69 15.86 20.45 -7.91
N GLY C 70 16.27 19.93 -6.77
CA GLY C 70 16.60 20.75 -5.60
C GLY C 70 15.42 20.85 -4.64
N PHE C 71 14.22 20.55 -5.12
CA PHE C 71 13.01 20.72 -4.31
C PHE C 71 12.30 19.41 -4.07
N TYR C 72 11.40 19.43 -3.09
CA TYR C 72 10.71 18.24 -2.67
C TYR C 72 9.20 18.35 -2.80
N PHE C 73 8.58 17.19 -2.78
CA PHE C 73 7.18 17.03 -2.96
C PHE C 73 6.69 16.01 -1.95
N THR C 74 5.54 16.27 -1.35
CA THR C 74 4.83 15.25 -0.60
C THR C 74 3.36 15.35 -0.93
N HIS C 75 2.62 14.31 -0.59
CA HIS C 75 1.20 14.37 -0.66
C HIS C 75 0.56 13.59 0.48
N SER C 76 -0.56 14.09 0.94
CA SER C 76 -1.26 13.52 2.04
C SER C 76 -2.66 13.25 1.55
N ILE C 77 -3.14 12.03 1.82
CA ILE C 77 -4.43 11.60 1.35
C ILE C 77 -5.34 11.28 2.53
N LEU C 78 -6.44 12.02 2.62
CA LEU C 78 -7.40 11.86 3.69
C LEU C 78 -8.58 11.04 3.20
N THR C 79 -9.00 10.09 4.02
CA THR C 79 -10.15 9.27 3.71
C THR C 79 -11.23 9.49 4.75
N VAL C 80 -12.38 9.99 4.30
CA VAL C 80 -13.57 10.11 5.13
C VAL C 80 -14.67 9.38 4.41
N THR C 81 -15.88 9.36 4.98
CA THR C 81 -17.00 8.69 4.33
C THR C 81 -17.65 9.65 3.34
N GLU C 82 -18.31 9.09 2.32
CA GLU C 82 -19.07 9.91 1.38
C GLU C 82 -20.12 10.75 2.11
N GLU C 83 -20.85 10.11 3.01
CA GLU C 83 -21.81 10.83 3.87
C GLU C 83 -21.20 12.06 4.56
N GLU C 84 -19.98 11.92 5.09
CA GLU C 84 -19.30 13.05 5.72
C GLU C 84 -18.94 14.14 4.69
N TRP C 85 -18.31 13.73 3.59
CA TRP C 85 -17.95 14.68 2.54
C TRP C 85 -19.16 15.42 2.00
N ASN C 86 -20.21 14.69 1.66
CA ASN C 86 -21.42 15.30 1.08
C ASN C 86 -22.29 16.11 2.03
N SER C 87 -21.96 16.11 3.32
CA SER C 87 -22.64 16.97 4.29
C SER C 87 -22.33 18.44 4.07
N GLY C 88 -21.25 18.72 3.34
CA GLY C 88 -20.83 20.08 3.07
C GLY C 88 -19.83 20.59 4.08
N GLU C 89 -19.33 19.72 4.94
CA GLU C 89 -18.39 20.13 5.97
C GLU C 89 -17.03 20.41 5.33
N THR C 90 -16.24 21.23 6.01
CA THR C 90 -14.98 21.71 5.44
C THR C 90 -13.81 20.89 5.96
N TYR C 91 -12.90 20.57 5.06
CA TYR C 91 -11.67 19.86 5.40
C TYR C 91 -10.48 20.74 5.11
N THR C 92 -9.54 20.78 6.06
CA THR C 92 -8.37 21.61 5.97
C THR C 92 -7.12 20.77 6.01
N CYS C 93 -6.23 21.03 5.07
CA CYS C 93 -4.90 20.47 5.08
C CYS C 93 -3.96 21.53 5.64
N VAL C 94 -3.27 21.19 6.73
CA VAL C 94 -2.43 22.12 7.49
C VAL C 94 -0.98 21.69 7.34
N VAL C 95 -0.14 22.60 6.85
CA VAL C 95 1.24 22.24 6.48
C VAL C 95 2.23 23.13 7.23
N GLY C 96 3.17 22.49 7.91
CA GLY C 96 4.22 23.18 8.65
C GLY C 96 5.57 22.99 8.01
N HIS C 97 6.29 24.09 7.80
CA HIS C 97 7.61 24.05 7.19
C HIS C 97 8.42 25.26 7.66
N GLU C 98 9.72 25.07 7.87
CA GLU C 98 10.61 26.10 8.44
C GLU C 98 10.78 27.35 7.56
N ALA C 99 10.53 27.23 6.27
CA ALA C 99 10.64 28.34 5.33
C ALA C 99 9.35 29.11 5.11
N LEU C 100 8.25 28.72 5.75
CA LEU C 100 7.01 29.50 5.64
C LEU C 100 7.15 30.73 6.53
N PRO C 101 6.66 31.89 6.06
CA PRO C 101 6.89 33.11 6.85
C PRO C 101 6.14 33.11 8.19
N HIS C 102 5.08 32.35 8.30
CA HIS C 102 4.39 32.15 9.60
C HIS C 102 4.48 30.70 10.06
N LEU C 103 5.44 29.96 9.49
CA LEU C 103 5.75 28.59 9.90
C LEU C 103 4.72 27.56 9.44
N VAL C 104 3.52 28.01 9.07
CA VAL C 104 2.43 27.12 8.71
C VAL C 104 1.59 27.74 7.62
N THR C 105 1.04 26.89 6.78
CA THR C 105 0.06 27.31 5.81
C THR C 105 -1.03 26.26 5.70
N GLU C 106 -2.24 26.71 5.43
CA GLU C 106 -3.34 25.79 5.30
C GLU C 106 -4.25 26.14 4.16
N ARG C 107 -4.92 25.12 3.63
CA ARG C 107 -5.93 25.33 2.63
C ARG C 107 -7.12 24.43 2.91
N THR C 108 -8.28 24.88 2.44
CA THR C 108 -9.53 24.24 2.76
C THR C 108 -10.29 23.88 1.50
N VAL C 109 -11.07 22.81 1.59
CA VAL C 109 -12.00 22.41 0.53
C VAL C 109 -13.27 21.88 1.15
N ASP C 110 -14.35 22.01 0.40
CA ASP C 110 -15.60 21.32 0.73
C ASP C 110 -16.26 20.87 -0.58
N LYS C 111 -17.44 20.25 -0.47
CA LYS C 111 -18.11 19.65 -1.63
C LYS C 111 -18.43 20.63 -2.76
N SER C 112 -18.41 21.94 -2.49
CA SER C 112 -18.74 22.94 -3.51
C SER C 112 -17.52 23.58 -4.22
N THR C 113 -16.33 22.98 -4.09
CA THR C 113 -15.14 23.54 -4.76
C THR C 113 -14.97 22.96 -6.15
N HIS D 7 -18.32 -12.58 4.38
CA HIS D 7 -17.04 -11.79 4.56
C HIS D 7 -15.94 -12.36 3.67
N PRO D 8 -15.49 -11.56 2.69
CA PRO D 8 -14.47 -12.06 1.76
C PRO D 8 -13.10 -12.19 2.41
N PRO D 9 -12.21 -13.02 1.82
CA PRO D 9 -10.88 -13.17 2.36
C PRO D 9 -10.02 -11.96 2.07
N ALA D 10 -9.09 -11.66 2.97
CA ALA D 10 -8.03 -10.72 2.72
C ALA D 10 -6.83 -11.58 2.44
N VAL D 11 -6.05 -11.22 1.43
CA VAL D 11 -4.95 -12.07 0.95
C VAL D 11 -3.66 -11.27 1.09
N TYR D 12 -2.65 -11.87 1.71
CA TYR D 12 -1.34 -11.24 1.87
C TYR D 12 -0.30 -12.20 1.35
N LEU D 13 0.50 -11.74 0.41
CA LEU D 13 1.41 -12.61 -0.28
C LEU D 13 2.81 -12.16 0.06
N LEU D 14 3.59 -13.00 0.72
CA LEU D 14 4.92 -12.64 1.18
C LEU D 14 5.96 -13.34 0.34
N PRO D 15 7.02 -12.62 -0.07
CA PRO D 15 8.09 -13.26 -0.82
C PRO D 15 8.96 -14.14 0.07
N PRO D 16 9.87 -14.92 -0.54
CA PRO D 16 10.84 -15.61 0.29
C PRO D 16 11.73 -14.60 0.98
N ALA D 17 12.41 -15.03 2.04
CA ALA D 17 13.46 -14.22 2.67
C ALA D 17 14.53 -13.83 1.65
N ARG D 18 15.16 -12.67 1.85
CA ARG D 18 16.24 -12.17 0.96
C ARG D 18 17.43 -13.06 0.90
N GLU D 19 17.65 -13.75 2.02
CA GLU D 19 18.83 -14.57 2.22
C GLU D 19 19.22 -15.14 0.88
N GLN D 20 20.49 -15.05 0.56
CA GLN D 20 20.90 -15.51 -0.73
C GLN D 20 20.99 -17.02 -0.77
N LEU D 21 20.19 -17.58 -1.66
CA LEU D 21 20.07 -19.00 -1.75
C LEU D 21 21.12 -19.53 -2.71
N ASN D 22 21.58 -20.72 -2.41
CA ASN D 22 22.66 -21.32 -3.15
C ASN D 22 22.11 -22.23 -4.24
N GLU D 25 18.62 -24.28 -4.68
CA GLU D 25 17.85 -24.56 -3.47
C GLU D 25 16.43 -24.00 -3.58
N SER D 26 15.59 -24.39 -2.64
CA SER D 26 14.18 -24.03 -2.69
C SER D 26 13.93 -22.64 -2.12
N ALA D 27 13.06 -21.90 -2.80
CA ALA D 27 12.55 -20.63 -2.34
C ALA D 27 11.08 -20.86 -1.98
N THR D 28 10.65 -20.25 -0.88
CA THR D 28 9.30 -20.39 -0.38
C THR D 28 8.54 -19.06 -0.55
N VAL D 29 7.40 -19.11 -1.23
CA VAL D 29 6.52 -17.95 -1.35
C VAL D 29 5.25 -18.26 -0.52
N THR D 30 4.82 -17.31 0.32
CA THR D 30 3.79 -17.58 1.34
C THR D 30 2.53 -16.73 1.17
N CYS D 31 1.40 -17.39 0.93
CA CYS D 31 0.12 -16.72 0.78
C CYS D 31 -0.73 -16.90 2.03
N LEU D 32 -0.89 -15.81 2.79
CA LEU D 32 -1.77 -15.79 3.97
C LEU D 32 -3.15 -15.29 3.60
N VAL D 33 -4.18 -16.04 3.97
CA VAL D 33 -5.57 -15.73 3.60
C VAL D 33 -6.38 -15.70 4.89
N LYS D 34 -6.98 -14.56 5.22
CA LYS D 34 -7.68 -14.43 6.51
C LYS D 34 -8.96 -13.61 6.45
N GLY D 35 -9.72 -13.66 7.55
CA GLY D 35 -10.91 -12.84 7.72
C GLY D 35 -12.11 -13.25 6.87
N PHE D 36 -12.13 -14.49 6.41
CA PHE D 36 -13.23 -14.94 5.57
C PHE D 36 -14.23 -15.83 6.32
N SER D 37 -15.46 -15.83 5.85
CA SER D 37 -16.44 -16.86 6.21
C SER D 37 -17.51 -16.85 5.13
N PRO D 38 -18.02 -18.02 4.75
CA PRO D 38 -17.74 -19.33 5.33
C PRO D 38 -16.34 -19.86 5.05
N ALA D 39 -16.02 -21.00 5.64
CA ALA D 39 -14.69 -21.55 5.54
C ALA D 39 -14.32 -22.00 4.13
N ASP D 40 -15.32 -22.13 3.25
CA ASP D 40 -15.10 -22.63 1.89
C ASP D 40 -14.30 -21.63 1.06
N ILE D 41 -13.23 -22.11 0.45
CA ILE D 41 -12.28 -21.26 -0.25
C ILE D 41 -11.46 -22.09 -1.22
N SER D 42 -10.95 -21.47 -2.28
CA SER D 42 -10.02 -22.15 -3.20
C SER D 42 -8.78 -21.30 -3.37
N VAL D 43 -7.64 -21.95 -3.52
CA VAL D 43 -6.38 -21.27 -3.75
C VAL D 43 -5.65 -21.95 -4.89
N GLN D 44 -5.30 -21.18 -5.89
CA GLN D 44 -4.35 -21.67 -6.88
C GLN D 44 -3.27 -20.65 -7.13
N TRP D 45 -2.22 -21.11 -7.81
CA TRP D 45 -1.04 -20.29 -8.04
C TRP D 45 -0.72 -20.14 -9.53
N LEU D 46 -0.16 -18.99 -9.89
CA LEU D 46 0.30 -18.71 -11.25
C LEU D 46 1.77 -18.34 -11.27
N GLN D 47 2.44 -18.71 -12.36
CA GLN D 47 3.73 -18.18 -12.71
C GLN D 47 3.59 -17.54 -14.11
N ARG D 48 3.87 -16.25 -14.20
CA ARG D 48 3.73 -15.53 -15.45
C ARG D 48 2.32 -15.70 -16.01
N GLY D 49 1.31 -15.69 -15.14
CA GLY D 49 -0.08 -15.83 -15.57
C GLY D 49 -0.53 -17.23 -15.95
N GLN D 50 0.33 -18.23 -15.76
CA GLN D 50 0.04 -19.63 -16.11
C GLN D 50 -0.09 -20.50 -14.87
N LEU D 51 -1.06 -21.41 -14.87
CA LEU D 51 -1.29 -22.29 -13.72
C LEU D 51 -0.07 -23.13 -13.43
N LEU D 52 0.36 -23.10 -12.17
CA LEU D 52 1.34 -24.03 -11.67
C LEU D 52 0.60 -25.28 -11.20
N PRO D 53 1.21 -26.45 -11.37
CA PRO D 53 0.58 -27.67 -10.88
C PRO D 53 0.56 -27.79 -9.35
N GLN D 54 -0.43 -28.51 -8.84
CA GLN D 54 -0.65 -28.67 -7.41
C GLN D 54 0.58 -29.12 -6.64
N GLU D 55 1.41 -29.94 -7.28
CA GLU D 55 2.55 -30.56 -6.61
C GLU D 55 3.55 -29.54 -6.07
N LYS D 56 3.50 -28.30 -6.57
CA LYS D 56 4.45 -27.27 -6.16
C LYS D 56 4.05 -26.48 -4.92
N TYR D 57 2.81 -26.65 -4.47
CA TYR D 57 2.32 -25.90 -3.32
C TYR D 57 1.45 -26.73 -2.38
N VAL D 58 1.29 -26.23 -1.18
CA VAL D 58 0.50 -26.91 -0.18
C VAL D 58 -0.39 -25.90 0.53
N THR D 59 -1.68 -26.22 0.59
CA THR D 59 -2.67 -25.32 1.17
C THR D 59 -3.29 -25.96 2.40
N SER D 60 -3.26 -25.23 3.52
CA SER D 60 -3.74 -25.77 4.78
C SER D 60 -5.26 -25.72 4.81
N ALA D 61 -5.87 -26.69 5.46
CA ALA D 61 -7.32 -26.65 5.66
C ALA D 61 -7.65 -25.41 6.50
N PRO D 62 -8.71 -24.69 6.18
CA PRO D 62 -9.01 -23.50 6.96
C PRO D 62 -9.22 -23.83 8.44
N MET D 63 -8.73 -22.95 9.32
CA MET D 63 -8.91 -23.09 10.75
C MET D 63 -9.44 -21.77 11.31
N PRO D 64 -10.08 -21.81 12.50
CA PRO D 64 -10.53 -20.57 13.11
C PRO D 64 -9.37 -19.59 13.29
N GLU D 65 -9.59 -18.34 12.91
CA GLU D 65 -8.52 -17.36 12.89
C GLU D 65 -8.21 -16.90 14.32
N PRO D 66 -6.95 -17.04 14.76
CA PRO D 66 -6.63 -16.54 16.09
C PRO D 66 -6.88 -15.05 16.18
N GLY D 67 -7.56 -14.62 17.25
CA GLY D 67 -7.88 -13.23 17.47
C GLY D 67 -9.12 -12.73 16.75
N ALA D 68 -9.77 -13.59 15.97
CA ALA D 68 -10.96 -13.19 15.22
C ALA D 68 -12.01 -14.30 15.25
N PRO D 69 -12.76 -14.41 16.36
CA PRO D 69 -13.89 -15.33 16.44
C PRO D 69 -14.88 -15.10 15.31
N GLY D 70 -15.33 -16.18 14.71
CA GLY D 70 -16.30 -16.10 13.63
C GLY D 70 -15.65 -16.20 12.26
N PHE D 71 -14.32 -16.18 12.22
CA PHE D 71 -13.58 -16.13 10.96
C PHE D 71 -12.52 -17.20 10.88
N TYR D 72 -12.07 -17.48 9.66
CA TYR D 72 -11.09 -18.53 9.42
C TYR D 72 -9.88 -17.98 8.67
N PHE D 73 -8.89 -18.84 8.53
CA PHE D 73 -7.60 -18.44 8.04
C PHE D 73 -7.00 -19.68 7.38
N THR D 74 -6.32 -19.48 6.26
CA THR D 74 -5.52 -20.55 5.65
C THR D 74 -4.20 -19.97 5.14
N HIS D 75 -3.19 -20.84 5.02
CA HIS D 75 -1.93 -20.55 4.35
C HIS D 75 -1.87 -21.39 3.11
N SER D 76 -1.34 -20.83 2.03
CA SER D 76 -0.88 -21.64 0.91
C SER D 76 0.59 -21.31 0.69
N ILE D 77 1.43 -22.33 0.58
CA ILE D 77 2.86 -22.13 0.50
C ILE D 77 3.40 -22.74 -0.79
N LEU D 78 3.97 -21.88 -1.63
CA LEU D 78 4.51 -22.30 -2.90
C LEU D 78 6.02 -22.50 -2.77
N THR D 79 6.49 -23.64 -3.24
CA THR D 79 7.93 -23.90 -3.35
C THR D 79 8.37 -23.79 -4.82
N VAL D 80 9.38 -22.97 -5.06
CA VAL D 80 10.01 -22.86 -6.38
C VAL D 80 11.52 -22.90 -6.20
N THR D 81 12.27 -23.11 -7.28
CA THR D 81 13.72 -23.06 -7.19
C THR D 81 14.16 -21.61 -7.07
N GLU D 82 15.33 -21.41 -6.47
CA GLU D 82 15.97 -20.09 -6.38
C GLU D 82 16.09 -19.44 -7.77
N GLU D 83 16.36 -20.27 -8.78
CA GLU D 83 16.48 -19.80 -10.17
C GLU D 83 15.12 -19.32 -10.69
N GLU D 84 14.08 -20.12 -10.45
CA GLU D 84 12.72 -19.74 -10.81
C GLU D 84 12.29 -18.45 -10.11
N TRP D 85 12.66 -18.30 -8.83
CA TRP D 85 12.34 -17.09 -8.09
C TRP D 85 13.16 -15.90 -8.59
N ASN D 86 14.46 -16.10 -8.77
CA ASN D 86 15.35 -15.02 -9.21
C ASN D 86 15.30 -14.66 -10.69
N SER D 87 14.53 -15.43 -11.47
CA SER D 87 14.31 -15.10 -12.88
C SER D 87 13.55 -13.78 -13.06
N GLY D 88 12.87 -13.34 -12.01
CA GLY D 88 12.09 -12.10 -12.06
C GLY D 88 10.65 -12.32 -12.51
N GLU D 89 10.25 -13.57 -12.70
CA GLU D 89 8.89 -13.89 -13.12
C GLU D 89 7.91 -13.55 -12.00
N THR D 90 6.67 -13.26 -12.39
CA THR D 90 5.61 -12.89 -11.44
C THR D 90 4.92 -14.14 -10.89
N TYR D 91 4.67 -14.16 -9.58
CA TYR D 91 3.91 -15.23 -8.95
C TYR D 91 2.62 -14.69 -8.37
N THR D 92 1.53 -15.38 -8.66
CA THR D 92 0.21 -14.92 -8.28
C THR D 92 -0.47 -15.95 -7.40
N CYS D 93 -0.98 -15.50 -6.26
CA CYS D 93 -1.82 -16.33 -5.41
C CYS D 93 -3.27 -15.97 -5.72
N VAL D 94 -4.03 -16.95 -6.18
CA VAL D 94 -5.39 -16.71 -6.68
C VAL D 94 -6.36 -17.35 -5.72
N VAL D 95 -7.24 -16.53 -5.14
CA VAL D 95 -8.13 -16.99 -4.09
C VAL D 95 -9.59 -16.81 -4.49
N GLY D 96 -10.34 -17.91 -4.49
CA GLY D 96 -11.75 -17.90 -4.86
C GLY D 96 -12.59 -18.01 -3.60
N HIS D 97 -13.64 -17.21 -3.52
CA HIS D 97 -14.50 -17.22 -2.35
C HIS D 97 -15.85 -16.60 -2.67
N GLU D 98 -16.92 -17.22 -2.17
CA GLU D 98 -18.29 -16.88 -2.53
C GLU D 98 -18.77 -15.48 -2.11
N ALA D 99 -18.06 -14.85 -1.18
CA ALA D 99 -18.41 -13.49 -0.73
C ALA D 99 -17.97 -12.41 -1.71
N LEU D 100 -17.04 -12.74 -2.59
CA LEU D 100 -16.50 -11.77 -3.56
C LEU D 100 -17.48 -11.62 -4.71
N PRO D 101 -17.94 -10.38 -4.99
CA PRO D 101 -18.79 -10.14 -6.16
C PRO D 101 -18.16 -10.66 -7.47
N HIS D 102 -16.85 -10.48 -7.62
CA HIS D 102 -16.14 -10.99 -8.79
C HIS D 102 -15.55 -12.38 -8.52
N LEU D 103 -15.96 -12.98 -7.39
CA LEU D 103 -15.66 -14.38 -7.03
C LEU D 103 -14.20 -14.64 -6.63
N VAL D 104 -13.27 -13.83 -7.14
CA VAL D 104 -11.86 -14.09 -6.96
C VAL D 104 -11.14 -12.81 -6.60
N THR D 105 -10.12 -12.96 -5.78
CA THR D 105 -9.16 -11.89 -5.50
C THR D 105 -7.79 -12.51 -5.56
N GLU D 106 -6.81 -11.74 -6.01
CA GLU D 106 -5.46 -12.26 -6.11
C GLU D 106 -4.43 -11.23 -5.70
N ARG D 107 -3.21 -11.72 -5.47
CA ARG D 107 -2.04 -10.87 -5.25
C ARG D 107 -0.87 -11.41 -6.05
N THR D 108 0.05 -10.54 -6.42
CA THR D 108 1.25 -10.95 -7.12
C THR D 108 2.52 -10.40 -6.47
N VAL D 109 3.58 -11.18 -6.56
CA VAL D 109 4.88 -10.80 -6.09
C VAL D 109 5.91 -11.23 -7.10
N ASP D 110 7.10 -10.64 -7.00
CA ASP D 110 8.23 -11.01 -7.83
C ASP D 110 9.54 -10.62 -7.12
N LYS D 111 10.64 -11.21 -7.55
CA LYS D 111 11.96 -10.98 -6.95
C LYS D 111 12.22 -9.54 -6.47
N SER D 112 11.66 -8.56 -7.18
CA SER D 112 11.77 -7.16 -6.76
C SER D 112 10.95 -6.83 -5.50
N THR D 113 9.83 -7.52 -5.28
CA THR D 113 9.08 -7.39 -4.01
C THR D 113 9.93 -7.92 -2.86
#